data_9OWA
#
_entry.id   9OWA
#
_cell.length_a   57.060
_cell.length_b   57.950
_cell.length_c   132.390
_cell.angle_alpha   90.00
_cell.angle_beta   90.00
_cell.angle_gamma   90.00
#
_symmetry.space_group_name_H-M   'P 21 21 21'
#
loop_
_entity.id
_entity.type
_entity.pdbx_description
1 polymer "Bifunctional 3'-5' exonuclease/ATP-dependent helicase WRN"
2 non-polymer 'ZINC ION'
3 non-polymer "N-[2-chloro-4-(trifluoromethyl)phenyl]-2-[(5'R,10'R)-2'-(3,6-dihydro-2H-pyran-4-yl)-1-(5-hydroxy-6-methylpyrimidine-4-carbonyl)-5'-methyl-9'-oxo-5',9'-dihydrospiro[piperidine-4,8'-pyrano[4,3-d][1,2,4]triazolo[1,5-a]pyrimidin]-4'(6'H)-yl]acetamide"
4 non-polymer 'CHLORIDE ION'
5 non-polymer 1,2-ETHANEDIOL
6 water water
#
_entity_poly.entity_id   1
_entity_poly.type   'polypeptide(L)'
_entity_poly.pdbx_seq_one_letter_code
;NLGLPTKEEEEDDENEANEGEEDDDKDFLWPAPNEEQVTCLKMYFGHSSFKPVQWKVIHSVLEERRDNVAVMATGYGKSL
CFQYPPVYVGKIGLVISPLISLMEDQVLQLKMSNIPACFLGSAQSENVLTDIKLGKYRIVYVTPEYCSGNMGLLQQLEAD
IGITLIAVDEAHCISEWGHDFRDSFRKLGSLKTALPMVPIVALTATASSSIREDIVRCLNLRNPQITCTGFDRPNLYLEV
RRKTGNILQDLQPFLVKTSSHWEFEGPTIIYCPSRKMTQQVTGELRKLNLSCGTYHAGMSFSTRKDIHHRFVRDEIQCVI
ATIAFGMGINKADIRQVIHYGAPKDMESYYQEIGRAGRDGLQSSCHVLWAPADINLNRHLLTEIRNEKFRLYKLKMMAKM
EKYLHSSRCRRQIILSHFEDKQVQKASLGIMGTEKCCDNCRSR
;
_entity_poly.pdbx_strand_id   A
#
loop_
_chem_comp.id
_chem_comp.type
_chem_comp.name
_chem_comp.formula
A1CEW non-polymer N-[2-chloro-4-(trifluoromethyl)phenyl]-2-[(5'R,10'R)-2'-(3,6-dihydro-2H-pyran-4-yl)-1-(5-hydroxy-6-methylpyrimidine-4-carbonyl)-5'-methyl-9'-oxo-5',9'-dihydrospiro[piperidine-4,8'-pyrano[4,3-d][1,2,4]triazolo[1,5-a]pyrimidin]-4'(6'H)-yl]acetamide 'C33 H32 Cl F3 N8 O6'
CL non-polymer 'CHLORIDE ION' 'Cl -1'
EDO non-polymer 1,2-ETHANEDIOL 'C2 H6 O2'
ZN non-polymer 'ZINC ION' 'Zn 2'
#
# COMPACT_ATOMS: atom_id res chain seq x y z
N ASP A 24 -20.94 -2.95 -4.25
CA ASP A 24 -20.45 -1.74 -3.50
C ASP A 24 -18.95 -1.88 -3.26
N ASP A 25 -18.23 -0.75 -3.21
CA ASP A 25 -16.82 -0.66 -2.73
C ASP A 25 -16.77 -1.17 -1.28
N LYS A 26 -17.73 -0.75 -0.45
CA LYS A 26 -17.84 -1.03 1.01
C LYS A 26 -17.94 -2.54 1.30
N ASP A 27 -18.36 -3.36 0.31
CA ASP A 27 -18.40 -4.84 0.42
C ASP A 27 -16.98 -5.42 0.48
N PHE A 28 -15.97 -4.68 0.01
CA PHE A 28 -14.53 -5.12 -0.04
C PHE A 28 -13.66 -4.25 0.90
N LEU A 29 -14.26 -3.67 1.95
CA LEU A 29 -13.53 -2.92 3.02
C LEU A 29 -13.73 -3.63 4.37
N TRP A 30 -12.67 -3.72 5.19
CA TRP A 30 -12.70 -4.32 6.53
C TRP A 30 -11.95 -3.45 7.55
N PRO A 31 -12.58 -3.02 8.67
CA PRO A 31 -14.02 -3.16 8.90
C PRO A 31 -14.86 -2.34 7.91
N ALA A 32 -16.15 -2.65 7.81
CA ALA A 32 -17.13 -1.92 6.97
C ALA A 32 -17.27 -0.49 7.50
N PRO A 33 -17.12 0.56 6.67
CA PRO A 33 -17.51 1.91 7.06
C PRO A 33 -18.96 1.95 7.57
N ASN A 34 -19.18 2.54 8.74
CA ASN A 34 -20.55 2.69 9.32
C ASN A 34 -21.32 3.77 8.54
N GLU A 35 -22.65 3.81 8.69
CA GLU A 35 -23.58 4.71 7.95
C GLU A 35 -23.10 6.17 8.08
N GLU A 36 -22.68 6.59 9.28
CA GLU A 36 -22.31 8.00 9.55
C GLU A 36 -20.98 8.36 8.87
N GLN A 37 -20.02 7.44 8.84
CA GLN A 37 -18.71 7.61 8.13
C GLN A 37 -18.98 7.89 6.65
N VAL A 38 -19.89 7.13 6.03
CA VAL A 38 -20.38 7.33 4.64
C VAL A 38 -21.13 8.67 4.53
N THR A 39 -22.09 8.94 5.43
CA THR A 39 -22.86 10.22 5.46
C THR A 39 -21.88 11.39 5.45
N CYS A 40 -20.94 11.40 6.41
CA CYS A 40 -19.86 12.43 6.56
C CYS A 40 -19.06 12.61 5.27
N LEU A 41 -18.72 11.51 4.58
CA LEU A 41 -17.92 11.54 3.32
C LEU A 41 -18.72 12.25 2.22
N LYS A 42 -20.01 11.95 2.09
CA LYS A 42 -20.92 12.57 1.09
C LYS A 42 -21.08 14.06 1.41
N MET A 43 -21.41 14.40 2.66
CA MET A 43 -21.77 15.78 3.08
C MET A 43 -20.60 16.74 2.81
N TYR A 44 -19.38 16.36 3.22
CA TYR A 44 -18.21 17.27 3.33
C TYR A 44 -17.24 17.10 2.16
N PHE A 45 -17.18 15.93 1.51
CA PHE A 45 -16.23 15.66 0.39
C PHE A 45 -16.95 15.28 -0.91
N GLY A 46 -18.23 14.86 -0.84
CA GLY A 46 -19.07 14.63 -2.04
C GLY A 46 -18.73 13.32 -2.74
N HIS A 47 -18.32 12.30 -1.98
CA HIS A 47 -17.98 10.94 -2.47
C HIS A 47 -18.89 9.90 -1.80
N SER A 48 -19.18 8.82 -2.54
CA SER A 48 -20.08 7.71 -2.14
C SER A 48 -19.27 6.61 -1.41
N SER A 49 -18.00 6.45 -1.78
CA SER A 49 -17.15 5.28 -1.41
C SER A 49 -15.74 5.73 -1.05
N PHE A 50 -15.08 4.96 -0.17
CA PHE A 50 -13.63 4.96 0.08
C PHE A 50 -12.96 3.91 -0.81
N LYS A 51 -11.85 4.27 -1.46
CA LYS A 51 -10.91 3.33 -2.14
C LYS A 51 -10.11 2.58 -1.08
N PRO A 52 -9.72 1.31 -1.30
CA PRO A 52 -9.04 0.49 -0.28
C PRO A 52 -7.89 1.18 0.47
N VAL A 53 -6.99 1.85 -0.25
CA VAL A 53 -5.81 2.57 0.33
C VAL A 53 -6.32 3.69 1.25
N GLN A 54 -7.30 4.48 0.81
CA GLN A 54 -7.85 5.64 1.56
C GLN A 54 -8.35 5.12 2.90
N TRP A 55 -9.19 4.08 2.82
CA TRP A 55 -9.82 3.41 3.99
C TRP A 55 -8.74 2.77 4.87
N LYS A 56 -7.74 2.13 4.27
CA LYS A 56 -6.57 1.55 5.00
C LYS A 56 -5.95 2.63 5.88
N VAL A 57 -5.65 3.80 5.30
CA VAL A 57 -4.96 4.93 5.99
C VAL A 57 -5.92 5.55 7.02
N ILE A 58 -7.15 5.87 6.62
CA ILE A 58 -8.16 6.60 7.45
C ILE A 58 -8.48 5.75 8.69
N HIS A 59 -8.85 4.49 8.50
CA HIS A 59 -9.22 3.54 9.58
C HIS A 59 -8.05 3.37 10.56
N SER A 60 -6.81 3.26 10.04
CA SER A 60 -5.57 3.09 10.85
C SER A 60 -5.30 4.36 11.69
N VAL A 61 -5.58 5.55 11.13
CA VAL A 61 -5.49 6.84 11.88
C VAL A 61 -6.58 6.89 12.96
N LEU A 62 -7.84 6.67 12.60
CA LEU A 62 -9.01 6.84 13.51
C LEU A 62 -9.00 5.80 14.64
N GLU A 63 -8.90 4.51 14.30
CA GLU A 63 -9.11 3.40 15.27
C GLU A 63 -7.78 2.99 15.91
N GLU A 64 -6.72 2.84 15.12
CA GLU A 64 -5.41 2.29 15.59
C GLU A 64 -4.46 3.43 15.99
N ARG A 65 -4.74 4.68 15.59
CA ARG A 65 -3.91 5.86 15.93
C ARG A 65 -2.48 5.59 15.44
N ARG A 66 -2.38 5.11 14.20
CA ARG A 66 -1.18 4.42 13.66
C ARG A 66 -0.47 5.33 12.65
N ASP A 67 0.86 5.44 12.78
CA ASP A 67 1.74 6.19 11.85
C ASP A 67 1.63 5.57 10.46
N ASN A 68 1.65 6.41 9.42
CA ASN A 68 1.56 5.97 8.00
C ASN A 68 2.69 6.61 7.21
N VAL A 69 3.26 5.85 6.27
CA VAL A 69 3.92 6.40 5.05
C VAL A 69 3.02 6.01 3.88
N ALA A 70 2.40 7.00 3.23
CA ALA A 70 1.48 6.80 2.10
C ALA A 70 2.14 7.40 0.87
N VAL A 71 2.73 6.55 0.03
CA VAL A 71 3.30 6.94 -1.28
C VAL A 71 2.13 7.06 -2.26
N MET A 72 1.98 8.22 -2.90
CA MET A 72 1.01 8.48 -3.98
C MET A 72 1.74 9.22 -5.12
N ALA A 73 1.87 8.57 -6.28
CA ALA A 73 2.57 9.09 -7.49
C ALA A 73 2.06 10.50 -7.83
N THR A 74 0.75 10.72 -7.70
CA THR A 74 0.05 12.00 -7.95
C THR A 74 -0.66 12.44 -6.66
N GLY A 75 -1.52 13.48 -6.73
CA GLY A 75 -2.36 13.95 -5.62
C GLY A 75 -3.82 13.53 -5.77
N TYR A 76 -4.14 12.62 -6.70
CA TYR A 76 -5.52 12.13 -6.96
C TYR A 76 -5.94 11.16 -5.85
N GLY A 77 -6.87 11.58 -4.98
CA GLY A 77 -7.36 10.82 -3.83
C GLY A 77 -6.47 10.98 -2.61
N LYS A 78 -5.47 11.85 -2.69
CA LYS A 78 -4.43 12.03 -1.65
C LYS A 78 -5.02 12.77 -0.44
N SER A 79 -5.69 13.91 -0.69
CA SER A 79 -6.12 14.88 0.36
C SER A 79 -7.10 14.25 1.35
N LEU A 80 -7.97 13.35 0.89
CA LEU A 80 -9.04 12.72 1.74
C LEU A 80 -8.40 11.99 2.92
N CYS A 81 -7.23 11.38 2.72
CA CYS A 81 -6.53 10.54 3.72
C CYS A 81 -6.25 11.33 5.00
N PHE A 82 -5.91 12.62 4.90
CA PHE A 82 -5.52 13.49 6.04
C PHE A 82 -6.61 14.51 6.38
N GLN A 83 -7.51 14.83 5.45
CA GLN A 83 -8.62 15.80 5.69
C GLN A 83 -9.82 15.08 6.35
N TYR A 84 -10.14 13.86 5.92
CA TYR A 84 -11.38 13.16 6.33
C TYR A 84 -11.37 12.88 7.83
N PRO A 85 -10.30 12.28 8.42
CA PRO A 85 -10.34 11.92 9.85
C PRO A 85 -10.67 13.06 10.82
N PRO A 86 -10.01 14.24 10.82
CA PRO A 86 -10.36 15.31 11.76
C PRO A 86 -11.80 15.83 11.60
N VAL A 87 -12.29 15.88 10.36
CA VAL A 87 -13.65 16.32 9.95
C VAL A 87 -14.71 15.36 10.54
N TYR A 88 -14.47 14.05 10.44
CA TYR A 88 -15.40 12.98 10.90
C TYR A 88 -15.45 12.98 12.44
N VAL A 89 -14.31 13.11 13.13
CA VAL A 89 -14.28 13.16 14.63
C VAL A 89 -14.60 14.59 15.12
N GLY A 90 -14.50 15.60 14.25
CA GLY A 90 -14.79 17.01 14.60
C GLY A 90 -13.77 17.56 15.59
N LYS A 91 -12.49 17.20 15.41
CA LYS A 91 -11.35 17.72 16.22
C LYS A 91 -10.44 18.52 15.29
N ILE A 92 -9.12 18.32 15.33
CA ILE A 92 -8.15 19.13 14.53
C ILE A 92 -7.15 18.20 13.83
N GLY A 93 -6.88 18.47 12.56
CA GLY A 93 -5.81 17.85 11.76
C GLY A 93 -4.77 18.88 11.37
N LEU A 94 -3.49 18.60 11.63
CA LEU A 94 -2.36 19.44 11.19
C LEU A 94 -1.83 18.89 9.85
N VAL A 95 -1.65 19.77 8.86
CA VAL A 95 -1.06 19.44 7.54
C VAL A 95 0.20 20.30 7.39
N ILE A 96 1.37 19.67 7.50
CA ILE A 96 2.70 20.31 7.31
C ILE A 96 3.10 20.13 5.85
N SER A 97 3.40 21.22 5.14
CA SER A 97 3.79 21.21 3.70
C SER A 97 4.55 22.48 3.33
N PRO A 98 5.56 22.41 2.42
CA PRO A 98 6.17 23.60 1.83
C PRO A 98 5.45 24.11 0.57
N LEU A 99 4.49 23.35 0.04
CA LEU A 99 3.78 23.64 -1.23
C LEU A 99 2.69 24.69 -0.95
N ILE A 100 3.11 25.95 -0.79
CA ILE A 100 2.29 27.07 -0.23
C ILE A 100 1.00 27.21 -1.04
N SER A 101 1.10 27.28 -2.37
CA SER A 101 -0.02 27.60 -3.30
C SER A 101 -1.06 26.48 -3.28
N LEU A 102 -0.64 25.21 -3.20
CA LEU A 102 -1.54 24.03 -3.16
C LEU A 102 -2.25 23.97 -1.80
N MET A 103 -1.58 24.35 -0.71
CA MET A 103 -2.17 24.43 0.65
C MET A 103 -3.29 25.49 0.66
N GLU A 104 -3.03 26.66 0.06
CA GLU A 104 -4.02 27.76 -0.12
C GLU A 104 -5.22 27.25 -0.95
N ASP A 105 -4.98 26.48 -2.02
CA ASP A 105 -6.05 25.94 -2.90
C ASP A 105 -6.91 24.97 -2.10
N GLN A 106 -6.29 24.10 -1.31
CA GLN A 106 -6.99 23.08 -0.48
C GLN A 106 -7.71 23.79 0.69
N VAL A 107 -7.05 24.75 1.35
CA VAL A 107 -7.67 25.63 2.38
C VAL A 107 -8.95 26.23 1.80
N LEU A 108 -8.94 26.70 0.55
CA LEU A 108 -10.12 27.32 -0.13
C LEU A 108 -11.18 26.25 -0.40
N GLN A 109 -10.81 25.09 -0.95
CA GLN A 109 -11.78 24.01 -1.31
C GLN A 109 -12.47 23.49 -0.05
N LEU A 110 -11.72 23.38 1.06
CA LEU A 110 -12.26 23.01 2.40
C LEU A 110 -13.29 24.06 2.85
N LYS A 111 -12.92 25.35 2.85
CA LYS A 111 -13.81 26.48 3.23
C LYS A 111 -15.12 26.38 2.44
N MET A 112 -15.03 26.12 1.13
CA MET A 112 -16.20 26.06 0.20
C MET A 112 -17.03 24.80 0.47
N SER A 113 -16.47 23.77 1.12
CA SER A 113 -17.16 22.51 1.53
C SER A 113 -17.71 22.59 2.96
N ASN A 114 -17.73 23.78 3.57
CA ASN A 114 -18.22 24.05 4.95
C ASN A 114 -17.33 23.33 5.97
N ILE A 115 -16.03 23.19 5.66
CA ILE A 115 -15.01 22.64 6.58
C ILE A 115 -14.17 23.83 7.03
N PRO A 116 -14.27 24.30 8.30
CA PRO A 116 -13.42 25.39 8.76
C PRO A 116 -11.95 24.95 8.65
N ALA A 117 -11.15 25.77 7.96
CA ALA A 117 -9.72 25.53 7.66
C ALA A 117 -9.01 26.87 7.52
N CYS A 118 -7.71 26.91 7.85
CA CYS A 118 -6.83 28.09 7.66
C CYS A 118 -5.37 27.67 7.41
N PHE A 119 -4.65 28.49 6.65
CA PHE A 119 -3.17 28.53 6.57
C PHE A 119 -2.65 29.29 7.80
N LEU A 120 -2.13 28.58 8.80
CA LEU A 120 -1.45 29.20 9.96
C LEU A 120 0.00 29.45 9.56
N GLY A 121 0.43 30.71 9.64
CA GLY A 121 1.82 31.19 9.52
C GLY A 121 2.01 32.44 10.37
N SER A 122 3.24 32.98 10.42
CA SER A 122 3.64 34.12 11.27
C SER A 122 2.81 35.36 10.90
N ALA A 123 2.59 35.62 9.61
CA ALA A 123 1.81 36.77 9.11
C ALA A 123 0.30 36.56 9.37
N GLN A 124 -0.16 35.31 9.31
CA GLN A 124 -1.61 34.96 9.41
C GLN A 124 -2.02 34.84 10.88
N SER A 125 -1.05 34.71 11.79
CA SER A 125 -1.22 34.36 13.24
C SER A 125 -2.23 35.29 13.93
N GLU A 126 -2.01 36.61 13.88
CA GLU A 126 -2.87 37.65 14.52
C GLU A 126 -4.35 37.36 14.21
N ASN A 127 -4.66 37.01 12.96
CA ASN A 127 -6.05 36.78 12.47
C ASN A 127 -6.61 35.49 13.08
N VAL A 128 -5.92 34.34 12.93
CA VAL A 128 -6.52 32.97 13.07
C VAL A 128 -6.11 32.28 14.38
N LEU A 129 -5.01 32.68 15.03
CA LEU A 129 -4.37 31.84 16.10
C LEU A 129 -5.34 31.64 17.27
N THR A 130 -6.01 32.69 17.74
CA THR A 130 -6.99 32.61 18.87
C THR A 130 -8.10 31.60 18.51
N ASP A 131 -8.58 31.65 17.27
CA ASP A 131 -9.70 30.80 16.79
C ASP A 131 -9.24 29.34 16.70
N ILE A 132 -7.97 29.09 16.37
CA ILE A 132 -7.36 27.73 16.34
C ILE A 132 -7.28 27.19 17.78
N LYS A 133 -6.81 28.01 18.73
CA LYS A 133 -6.69 27.62 20.16
C LYS A 133 -8.09 27.35 20.76
N LEU A 134 -9.13 28.03 20.24
CA LEU A 134 -10.54 27.88 20.70
C LEU A 134 -11.23 26.69 20.01
N GLY A 135 -10.61 26.08 19.00
CA GLY A 135 -11.08 24.82 18.37
C GLY A 135 -12.01 25.06 17.20
N LYS A 136 -11.96 26.25 16.58
CA LYS A 136 -12.91 26.69 15.52
C LYS A 136 -12.54 26.09 14.17
N TYR A 137 -11.34 25.50 14.03
CA TYR A 137 -10.80 25.00 12.74
C TYR A 137 -10.66 23.48 12.81
N ARG A 138 -11.12 22.79 11.75
CA ARG A 138 -10.93 21.33 11.56
C ARG A 138 -9.51 21.04 11.09
N ILE A 139 -8.99 21.83 10.14
CA ILE A 139 -7.71 21.55 9.41
C ILE A 139 -6.85 22.81 9.36
N VAL A 140 -5.67 22.75 9.99
CA VAL A 140 -4.67 23.86 10.02
C VAL A 140 -3.47 23.43 9.18
N TYR A 141 -3.22 24.14 8.08
CA TYR A 141 -2.02 24.03 7.22
C TYR A 141 -0.92 24.91 7.80
N VAL A 142 0.29 24.34 7.96
CA VAL A 142 1.50 25.08 8.44
C VAL A 142 2.69 24.70 7.57
N THR A 143 3.70 25.58 7.51
CA THR A 143 5.04 25.28 6.97
C THR A 143 5.82 24.47 8.01
N PRO A 144 6.86 23.70 7.59
CA PRO A 144 7.78 23.07 8.53
C PRO A 144 8.53 24.11 9.40
N GLU A 145 8.89 25.25 8.82
CA GLU A 145 9.55 26.38 9.53
C GLU A 145 8.65 26.86 10.68
N TYR A 146 7.35 27.06 10.43
CA TYR A 146 6.40 27.59 11.45
C TYR A 146 6.18 26.53 12.54
N CYS A 147 5.98 25.27 12.13
CA CYS A 147 5.74 24.11 13.02
C CYS A 147 6.97 23.87 13.91
N SER A 148 8.18 24.00 13.35
CA SER A 148 9.48 23.96 14.08
C SER A 148 9.46 24.94 15.26
N GLY A 149 8.97 26.17 15.03
CA GLY A 149 8.98 27.26 16.01
C GLY A 149 7.83 27.20 17.01
N ASN A 150 6.81 26.36 16.81
CA ASN A 150 5.56 26.37 17.63
C ASN A 150 5.18 24.95 18.09
N MET A 151 6.11 24.18 18.65
CA MET A 151 5.80 22.84 19.24
C MET A 151 4.94 23.03 20.50
N GLY A 152 5.16 24.13 21.24
CA GLY A 152 4.33 24.55 22.39
C GLY A 152 2.86 24.65 22.03
N LEU A 153 2.54 25.30 20.91
CA LEU A 153 1.16 25.46 20.37
C LEU A 153 0.50 24.08 20.22
N LEU A 154 1.10 23.20 19.40
CA LEU A 154 0.50 21.88 19.03
C LEU A 154 0.10 21.11 20.30
N GLN A 155 0.98 21.09 21.31
CA GLN A 155 0.72 20.45 22.63
C GLN A 155 -0.52 21.07 23.30
N GLN A 156 -0.75 22.38 23.16
CA GLN A 156 -1.98 23.06 23.67
C GLN A 156 -3.20 22.51 22.94
N LEU A 157 -3.08 22.33 21.61
CA LEU A 157 -4.17 21.82 20.74
C LEU A 157 -4.46 20.36 21.09
N GLU A 158 -3.42 19.55 21.31
CA GLU A 158 -3.55 18.13 21.76
C GLU A 158 -4.26 18.08 23.12
N ALA A 159 -3.87 18.95 24.05
CA ALA A 159 -4.39 19.03 25.43
C ALA A 159 -5.85 19.51 25.43
N ASP A 160 -6.17 20.58 24.69
CA ASP A 160 -7.49 21.27 24.72
C ASP A 160 -8.47 20.60 23.75
N ILE A 161 -8.01 20.19 22.56
CA ILE A 161 -8.87 19.72 21.43
C ILE A 161 -8.61 18.24 21.15
N GLY A 162 -7.35 17.87 20.93
CA GLY A 162 -6.92 16.52 20.49
C GLY A 162 -6.65 16.52 19.00
N ILE A 163 -5.41 16.22 18.60
CA ILE A 163 -4.97 16.25 17.17
C ILE A 163 -5.22 14.86 16.58
N THR A 164 -6.14 14.76 15.63
CA THR A 164 -6.51 13.49 14.95
C THR A 164 -5.28 12.93 14.21
N LEU A 165 -4.54 13.78 13.50
CA LEU A 165 -3.32 13.36 12.74
C LEU A 165 -2.46 14.58 12.40
N ILE A 166 -1.16 14.35 12.22
CA ILE A 166 -0.23 15.29 11.55
C ILE A 166 0.14 14.68 10.19
N ALA A 167 -0.24 15.36 9.10
CA ALA A 167 0.16 15.04 7.71
C ALA A 167 1.42 15.84 7.34
N VAL A 168 2.55 15.15 7.09
CA VAL A 168 3.79 15.74 6.54
C VAL A 168 3.84 15.42 5.05
N ASP A 169 3.48 16.37 4.18
CA ASP A 169 3.52 16.20 2.71
C ASP A 169 4.97 16.44 2.25
N GLU A 170 5.32 16.00 1.04
CA GLU A 170 6.70 16.09 0.49
C GLU A 170 7.68 15.52 1.53
N ALA A 171 7.29 14.43 2.21
CA ALA A 171 8.01 13.87 3.38
C ALA A 171 9.44 13.45 2.99
N HIS A 172 9.66 13.10 1.72
CA HIS A 172 10.99 12.81 1.11
C HIS A 172 11.98 13.96 1.35
N CYS A 173 11.51 15.21 1.49
CA CYS A 173 12.35 16.40 1.75
C CYS A 173 13.12 16.28 3.08
N ILE A 174 12.74 15.37 3.98
CA ILE A 174 13.47 15.11 5.26
C ILE A 174 14.74 14.28 4.98
N SER A 175 14.82 13.57 3.84
CA SER A 175 15.96 12.69 3.47
C SER A 175 17.07 13.50 2.80
N GLU A 176 18.28 13.52 3.38
CA GLU A 176 19.52 14.06 2.75
C GLU A 176 19.86 13.28 1.46
N TRP A 177 19.36 12.05 1.30
CA TRP A 177 19.71 11.12 0.20
C TRP A 177 18.78 11.28 -1.01
N GLY A 178 17.67 12.01 -0.87
CA GLY A 178 16.70 12.25 -1.95
C GLY A 178 17.12 13.38 -2.89
N HIS A 179 16.25 13.71 -3.86
CA HIS A 179 16.51 14.71 -4.94
C HIS A 179 16.09 16.13 -4.52
N ASP A 180 15.49 16.33 -3.34
CA ASP A 180 14.78 17.59 -2.99
C ASP A 180 14.82 17.82 -1.47
N PHE A 181 16.01 17.90 -0.87
CA PHE A 181 16.21 18.06 0.59
C PHE A 181 15.82 19.47 1.04
N ARG A 182 15.21 19.57 2.24
CA ARG A 182 14.84 20.82 2.94
C ARG A 182 15.29 20.73 4.40
N ASP A 183 16.14 21.68 4.83
CA ASP A 183 16.61 21.85 6.24
C ASP A 183 15.41 22.08 7.18
N SER A 184 14.31 22.66 6.67
CA SER A 184 13.08 22.96 7.45
C SER A 184 12.41 21.66 7.96
N PHE A 185 12.64 20.51 7.33
CA PHE A 185 12.06 19.19 7.73
C PHE A 185 12.87 18.53 8.85
N ARG A 186 14.13 18.94 9.06
CA ARG A 186 15.04 18.40 10.11
C ARG A 186 14.31 18.27 11.45
N LYS A 187 13.59 19.33 11.85
CA LYS A 187 13.06 19.52 13.24
C LYS A 187 11.75 18.75 13.42
N LEU A 188 11.15 18.19 12.35
CA LEU A 188 9.88 17.41 12.44
C LEU A 188 10.12 16.06 13.14
N GLY A 189 11.37 15.67 13.38
CA GLY A 189 11.76 14.59 14.31
C GLY A 189 11.26 14.81 15.72
N SER A 190 11.03 16.07 16.12
CA SER A 190 10.52 16.46 17.47
C SER A 190 9.03 16.16 17.62
N LEU A 191 8.26 16.09 16.53
CA LEU A 191 6.78 15.89 16.58
C LEU A 191 6.45 14.70 17.49
N LYS A 192 7.14 13.57 17.32
CA LYS A 192 6.89 12.31 18.08
C LYS A 192 7.35 12.42 19.54
N THR A 193 8.21 13.40 19.87
CA THR A 193 8.62 13.74 21.26
C THR A 193 7.51 14.58 21.91
N ALA A 194 7.12 15.68 21.26
CA ALA A 194 6.05 16.60 21.72
C ALA A 194 4.71 15.86 21.81
N LEU A 195 4.40 15.03 20.80
CA LEU A 195 3.06 14.42 20.57
C LEU A 195 3.23 12.92 20.32
N PRO A 196 3.63 12.12 21.34
CA PRO A 196 3.89 10.70 21.16
C PRO A 196 2.64 9.84 20.91
N MET A 197 1.44 10.35 21.24
CA MET A 197 0.15 9.63 21.07
C MET A 197 -0.52 10.01 19.74
N VAL A 198 -0.01 11.01 19.01
CA VAL A 198 -0.65 11.53 17.75
C VAL A 198 -0.02 10.81 16.56
N PRO A 199 -0.83 10.25 15.63
CA PRO A 199 -0.30 9.58 14.45
C PRO A 199 0.20 10.56 13.38
N ILE A 200 1.39 10.32 12.83
CA ILE A 200 1.96 11.09 11.69
C ILE A 200 1.68 10.31 10.41
N VAL A 201 1.03 10.95 9.42
CA VAL A 201 0.85 10.43 8.04
C VAL A 201 1.88 11.12 7.15
N ALA A 202 2.99 10.45 6.85
CA ALA A 202 4.03 10.95 5.92
C ALA A 202 3.58 10.63 4.50
N LEU A 203 3.63 11.62 3.61
CA LEU A 203 3.16 11.52 2.20
C LEU A 203 4.31 11.89 1.26
N THR A 204 4.49 11.14 0.17
CA THR A 204 5.55 11.42 -0.83
C THR A 204 5.19 10.76 -2.16
N ALA A 205 5.79 11.25 -3.25
CA ALA A 205 5.57 10.79 -4.65
C ALA A 205 6.58 9.71 -5.06
N THR A 206 7.58 9.40 -4.21
CA THR A 206 8.68 8.44 -4.54
C THR A 206 8.36 7.07 -3.92
N ALA A 207 8.51 6.00 -4.73
CA ALA A 207 8.36 4.59 -4.32
C ALA A 207 9.69 4.02 -3.78
N SER A 208 10.77 4.82 -3.77
CA SER A 208 12.11 4.44 -3.26
C SER A 208 12.02 3.84 -1.86
N SER A 209 12.61 2.66 -1.67
N SER A 209 12.60 2.65 -1.66
CA SER A 209 12.64 1.89 -0.40
CA SER A 209 12.61 1.92 -0.36
C SER A 209 13.53 2.61 0.64
C SER A 209 13.54 2.61 0.65
N SER A 210 14.71 3.07 0.20
CA SER A 210 15.69 3.79 1.06
C SER A 210 15.15 5.16 1.51
N ILE A 211 14.43 5.89 0.65
CA ILE A 211 13.81 7.20 1.03
C ILE A 211 12.71 6.93 2.06
N ARG A 212 11.91 5.88 1.84
CA ARG A 212 10.87 5.42 2.79
C ARG A 212 11.52 5.07 4.14
N GLU A 213 12.67 4.38 4.13
CA GLU A 213 13.47 4.08 5.35
C GLU A 213 13.87 5.39 6.05
N ASP A 214 14.40 6.37 5.29
CA ASP A 214 14.86 7.69 5.81
C ASP A 214 13.69 8.45 6.46
N ILE A 215 12.54 8.51 5.78
CA ILE A 215 11.29 9.15 6.29
C ILE A 215 10.93 8.52 7.64
N VAL A 216 10.89 7.18 7.70
CA VAL A 216 10.48 6.40 8.92
C VAL A 216 11.39 6.77 10.09
N ARG A 217 12.71 6.84 9.86
CA ARG A 217 13.74 7.07 10.91
C ARG A 217 13.66 8.53 11.39
N CYS A 218 13.69 9.47 10.45
CA CYS A 218 13.81 10.94 10.70
C CYS A 218 12.55 11.46 11.40
N LEU A 219 11.36 10.94 11.04
CA LEU A 219 10.06 11.30 11.69
C LEU A 219 9.76 10.43 12.91
N ASN A 220 10.65 9.48 13.26
CA ASN A 220 10.53 8.63 14.47
C ASN A 220 9.20 7.88 14.46
N LEU A 221 8.79 7.39 13.29
CA LEU A 221 7.50 6.67 13.12
C LEU A 221 7.62 5.30 13.80
N ARG A 222 6.53 4.86 14.46
CA ARG A 222 6.43 3.61 15.24
C ARG A 222 5.57 2.62 14.43
N ASN A 223 6.16 1.48 14.04
CA ASN A 223 5.55 0.39 13.23
C ASN A 223 4.58 0.98 12.20
N PRO A 224 5.06 1.85 11.27
CA PRO A 224 4.16 2.61 10.41
C PRO A 224 3.52 1.75 9.32
N GLN A 225 2.26 2.05 8.97
CA GLN A 225 1.57 1.42 7.82
C GLN A 225 2.14 2.00 6.52
N ILE A 226 2.57 1.13 5.60
CA ILE A 226 3.15 1.48 4.27
C ILE A 226 2.09 1.19 3.22
N THR A 227 1.66 2.22 2.48
CA THR A 227 0.86 2.08 1.23
C THR A 227 1.60 2.80 0.10
N CYS A 228 1.25 2.45 -1.14
CA CYS A 228 1.93 2.91 -2.36
C CYS A 228 0.98 2.81 -3.56
N THR A 229 0.46 3.95 -4.04
CA THR A 229 -0.58 4.03 -5.09
C THR A 229 -0.23 5.12 -6.11
N GLY A 230 -1.04 5.23 -7.18
CA GLY A 230 -0.89 6.23 -8.25
C GLY A 230 -0.07 5.74 -9.43
N PHE A 231 0.55 4.56 -9.32
CA PHE A 231 1.54 4.02 -10.30
C PHE A 231 0.85 3.03 -11.25
N ASP A 232 1.24 3.07 -12.52
CA ASP A 232 0.66 2.26 -13.63
C ASP A 232 1.34 0.88 -13.66
N ARG A 233 2.63 0.81 -13.33
CA ARG A 233 3.46 -0.43 -13.35
C ARG A 233 3.39 -1.07 -14.72
N PRO A 234 3.79 -0.36 -15.80
CA PRO A 234 3.65 -0.86 -17.18
C PRO A 234 4.51 -2.11 -17.45
N ASN A 235 5.64 -2.23 -16.73
CA ASN A 235 6.62 -3.34 -16.85
C ASN A 235 6.07 -4.66 -16.27
N LEU A 236 4.99 -4.65 -15.48
CA LEU A 236 4.38 -5.89 -14.93
C LEU A 236 3.33 -6.42 -15.90
N TYR A 237 3.55 -7.64 -16.41
CA TYR A 237 2.59 -8.41 -17.26
C TYR A 237 1.76 -9.33 -16.36
N LEU A 238 0.47 -9.47 -16.66
CA LEU A 238 -0.49 -10.27 -15.86
C LEU A 238 -0.99 -11.44 -16.69
N GLU A 239 -0.90 -12.65 -16.15
CA GLU A 239 -1.51 -13.84 -16.78
C GLU A 239 -2.14 -14.73 -15.70
N VAL A 240 -3.28 -15.33 -16.04
CA VAL A 240 -3.98 -16.39 -15.26
C VAL A 240 -4.16 -17.59 -16.19
N ARG A 241 -3.65 -18.76 -15.81
CA ARG A 241 -3.86 -20.04 -16.53
C ARG A 241 -4.36 -21.07 -15.53
N ARG A 242 -5.12 -22.06 -16.00
CA ARG A 242 -5.46 -23.26 -15.20
C ARG A 242 -4.14 -23.98 -14.87
N LYS A 243 -3.97 -24.43 -13.63
CA LYS A 243 -2.94 -25.41 -13.24
C LYS A 243 -3.53 -26.81 -13.43
N THR A 244 -2.70 -27.77 -13.85
CA THR A 244 -3.05 -29.21 -13.90
C THR A 244 -3.09 -29.76 -12.47
N GLY A 245 -2.24 -29.22 -11.58
CA GLY A 245 -1.94 -29.79 -10.25
C GLY A 245 -0.54 -30.37 -10.20
N ASN A 246 -0.14 -31.15 -11.22
CA ASN A 246 1.24 -31.71 -11.38
C ASN A 246 2.24 -30.55 -11.47
N ILE A 247 3.22 -30.53 -10.56
CA ILE A 247 4.06 -29.35 -10.22
C ILE A 247 5.11 -29.09 -11.32
N LEU A 248 5.68 -30.15 -11.92
CA LEU A 248 6.74 -30.01 -12.96
C LEU A 248 6.11 -29.57 -14.29
N GLN A 249 4.97 -30.17 -14.67
CA GLN A 249 4.20 -29.81 -15.90
C GLN A 249 3.82 -28.33 -15.85
N ASP A 250 3.28 -27.89 -14.72
CA ASP A 250 2.81 -26.48 -14.49
C ASP A 250 3.98 -25.50 -14.63
N LEU A 251 5.16 -25.81 -14.08
CA LEU A 251 6.28 -24.84 -13.92
C LEU A 251 7.33 -24.94 -15.04
N GLN A 252 7.32 -26.00 -15.85
CA GLN A 252 8.27 -26.24 -16.98
C GLN A 252 8.29 -25.07 -17.97
N PRO A 253 7.13 -24.45 -18.32
CA PRO A 253 7.13 -23.23 -19.14
C PRO A 253 7.99 -22.06 -18.64
N PHE A 254 8.24 -21.97 -17.33
CA PHE A 254 9.00 -20.87 -16.68
C PHE A 254 10.50 -21.18 -16.64
N LEU A 255 10.93 -22.41 -16.95
CA LEU A 255 12.34 -22.86 -16.82
C LEU A 255 13.07 -22.80 -18.17
N VAL A 256 14.40 -22.70 -18.12
CA VAL A 256 15.32 -22.80 -19.29
C VAL A 256 16.34 -23.89 -18.96
N LYS A 257 16.91 -24.54 -20.00
CA LYS A 257 18.01 -25.54 -19.91
C LYS A 257 19.32 -24.86 -20.34
N THR A 258 20.23 -24.61 -19.40
CA THR A 258 21.56 -23.98 -19.63
C THR A 258 22.63 -24.63 -18.75
N SER A 259 23.77 -25.01 -19.34
CA SER A 259 24.94 -25.65 -18.68
C SER A 259 24.53 -26.98 -18.04
N SER A 260 23.67 -27.75 -18.73
CA SER A 260 23.15 -29.08 -18.30
C SER A 260 22.36 -29.00 -16.98
N HIS A 261 21.88 -27.81 -16.59
CA HIS A 261 21.07 -27.56 -15.36
C HIS A 261 19.90 -26.63 -15.70
N TRP A 262 19.01 -26.38 -14.73
CA TRP A 262 17.72 -25.66 -14.91
C TRP A 262 17.66 -24.42 -14.02
N GLU A 263 16.96 -23.39 -14.48
CA GLU A 263 16.80 -22.10 -13.75
C GLU A 263 15.63 -21.31 -14.36
N PHE A 264 15.06 -20.39 -13.58
CA PHE A 264 14.09 -19.36 -14.04
C PHE A 264 14.84 -18.31 -14.87
N GLU A 265 14.11 -17.53 -15.66
CA GLU A 265 14.66 -16.43 -16.52
C GLU A 265 15.51 -15.50 -15.63
N GLY A 266 14.96 -15.05 -14.50
CA GLY A 266 15.64 -14.18 -13.52
C GLY A 266 15.17 -14.43 -12.09
N PRO A 267 15.51 -13.53 -11.13
CA PRO A 267 15.02 -13.64 -9.75
C PRO A 267 13.49 -13.76 -9.65
N THR A 268 13.02 -14.76 -8.89
CA THR A 268 11.63 -15.30 -8.92
C THR A 268 11.14 -15.55 -7.50
N ILE A 269 9.89 -15.16 -7.20
CA ILE A 269 9.15 -15.56 -5.97
C ILE A 269 8.00 -16.47 -6.41
N ILE A 270 7.88 -17.67 -5.85
CA ILE A 270 6.70 -18.56 -6.01
C ILE A 270 5.93 -18.54 -4.69
N TYR A 271 4.74 -17.92 -4.69
CA TYR A 271 3.83 -17.81 -3.52
C TYR A 271 2.83 -18.97 -3.54
N CYS A 272 2.76 -19.72 -2.44
CA CYS A 272 1.88 -20.91 -2.28
C CYS A 272 0.89 -20.69 -1.14
N PRO A 273 -0.34 -21.25 -1.19
CA PRO A 273 -1.36 -21.02 -0.16
C PRO A 273 -1.14 -21.69 1.21
N SER A 274 -0.19 -22.63 1.32
CA SER A 274 0.06 -23.46 2.53
C SER A 274 1.55 -23.73 2.70
N ARG A 275 1.95 -24.14 3.91
CA ARG A 275 3.36 -24.45 4.28
C ARG A 275 3.77 -25.79 3.66
N LYS A 276 2.81 -26.69 3.42
CA LYS A 276 3.04 -28.01 2.77
C LYS A 276 3.46 -27.80 1.31
N MET A 277 2.78 -26.90 0.59
CA MET A 277 2.98 -26.68 -0.87
C MET A 277 4.39 -26.10 -1.13
N THR A 278 4.90 -25.23 -0.25
CA THR A 278 6.28 -24.66 -0.34
C THR A 278 7.33 -25.80 -0.28
N GLN A 279 7.07 -26.85 0.49
CA GLN A 279 7.97 -28.04 0.61
C GLN A 279 7.87 -28.90 -0.66
N GLN A 280 6.64 -29.15 -1.16
CA GLN A 280 6.36 -29.92 -2.40
C GLN A 280 7.05 -29.26 -3.60
N VAL A 281 6.82 -27.96 -3.80
CA VAL A 281 7.29 -27.17 -4.98
C VAL A 281 8.83 -27.12 -4.97
N THR A 282 9.44 -26.81 -3.83
CA THR A 282 10.92 -26.79 -3.63
C THR A 282 11.48 -28.16 -3.99
N GLY A 283 10.89 -29.24 -3.47
CA GLY A 283 11.33 -30.64 -3.66
C GLY A 283 11.38 -31.07 -5.12
N GLU A 284 10.49 -30.51 -5.97
CA GLU A 284 10.43 -30.76 -7.43
C GLU A 284 11.55 -29.96 -8.14
N LEU A 285 11.75 -28.69 -7.76
CA LEU A 285 12.79 -27.80 -8.34
C LEU A 285 14.18 -28.23 -7.86
N ARG A 286 14.28 -28.89 -6.70
CA ARG A 286 15.52 -29.52 -6.17
C ARG A 286 16.05 -30.59 -7.14
N LYS A 287 15.14 -31.32 -7.81
CA LYS A 287 15.44 -32.44 -8.73
C LYS A 287 16.08 -31.92 -10.03
N LEU A 288 16.00 -30.62 -10.31
CA LEU A 288 16.64 -29.94 -11.48
C LEU A 288 17.89 -29.17 -11.04
N ASN A 289 18.29 -29.27 -9.75
CA ASN A 289 19.44 -28.55 -9.13
C ASN A 289 19.26 -27.03 -9.29
N LEU A 290 18.01 -26.56 -9.29
CA LEU A 290 17.65 -25.13 -9.48
C LEU A 290 18.04 -24.36 -8.22
N SER A 291 18.70 -23.20 -8.37
CA SER A 291 19.16 -22.32 -7.26
C SER A 291 17.92 -21.69 -6.60
N CYS A 292 17.34 -22.42 -5.64
CA CYS A 292 16.05 -22.11 -4.97
C CYS A 292 16.16 -22.30 -3.45
N GLY A 293 15.19 -21.80 -2.69
CA GLY A 293 15.14 -21.88 -1.21
C GLY A 293 13.75 -21.61 -0.66
N THR A 294 13.36 -22.30 0.41
CA THR A 294 12.01 -22.25 1.02
C THR A 294 11.96 -21.14 2.08
N TYR A 295 10.78 -20.54 2.27
CA TYR A 295 10.48 -19.52 3.32
C TYR A 295 9.05 -19.68 3.82
N HIS A 296 8.89 -19.97 5.11
CA HIS A 296 7.56 -19.98 5.81
C HIS A 296 7.76 -19.75 7.31
N ALA A 297 6.65 -19.65 8.05
CA ALA A 297 6.60 -19.36 9.50
C ALA A 297 7.42 -20.38 10.29
N GLY A 298 7.22 -21.67 9.99
CA GLY A 298 7.81 -22.84 10.67
C GLY A 298 9.34 -22.81 10.76
N MET A 299 10.02 -22.19 9.79
CA MET A 299 11.51 -22.09 9.75
C MET A 299 12.00 -21.06 10.77
N SER A 300 13.28 -21.13 11.13
CA SER A 300 13.96 -20.21 12.08
C SER A 300 14.25 -18.87 11.38
N PHE A 301 14.50 -17.82 12.18
CA PHE A 301 14.74 -16.43 11.71
C PHE A 301 16.14 -16.29 11.12
N SER A 302 17.11 -17.11 11.56
CA SER A 302 18.50 -17.15 11.05
C SER A 302 18.51 -17.73 9.63
N THR A 303 17.85 -18.87 9.41
CA THR A 303 17.71 -19.56 8.09
C THR A 303 16.90 -18.68 7.13
N ARG A 304 15.92 -17.93 7.64
CA ARG A 304 15.11 -16.98 6.83
C ARG A 304 15.98 -15.78 6.43
N LYS A 305 16.79 -15.25 7.35
CA LYS A 305 17.74 -14.13 7.12
C LYS A 305 18.88 -14.57 6.18
N ASP A 306 19.20 -15.86 6.13
CA ASP A 306 20.15 -16.45 5.14
C ASP A 306 19.48 -16.45 3.77
N ILE A 307 18.31 -17.09 3.67
CA ILE A 307 17.45 -17.16 2.46
C ILE A 307 17.23 -15.74 1.90
N HIS A 308 16.87 -14.79 2.76
CA HIS A 308 16.58 -13.37 2.42
C HIS A 308 17.85 -12.68 1.89
N HIS A 309 18.99 -12.85 2.57
CA HIS A 309 20.31 -12.24 2.22
C HIS A 309 20.89 -12.87 0.95
N ARG A 310 20.72 -14.19 0.77
CA ARG A 310 21.19 -14.94 -0.42
C ARG A 310 20.40 -14.49 -1.67
N PHE A 311 19.12 -14.15 -1.50
CA PHE A 311 18.23 -13.64 -2.58
C PHE A 311 18.74 -12.28 -3.04
N VAL A 312 19.00 -11.36 -2.09
CA VAL A 312 19.44 -9.94 -2.34
C VAL A 312 20.82 -9.93 -3.04
N ARG A 313 21.71 -10.85 -2.68
CA ARG A 313 23.07 -11.00 -3.29
C ARG A 313 23.03 -11.92 -4.51
N ASP A 314 21.85 -12.43 -4.91
CA ASP A 314 21.61 -13.24 -6.13
C ASP A 314 22.36 -14.58 -6.03
N GLU A 315 22.47 -15.15 -4.82
CA GLU A 315 23.08 -16.48 -4.56
C GLU A 315 22.05 -17.57 -4.91
N ILE A 316 20.80 -17.38 -4.50
CA ILE A 316 19.65 -18.26 -4.87
C ILE A 316 18.70 -17.47 -5.78
N GLN A 317 18.35 -18.04 -6.94
CA GLN A 317 17.56 -17.36 -7.99
C GLN A 317 16.08 -17.31 -7.57
N CYS A 318 15.57 -18.37 -6.94
CA CYS A 318 14.14 -18.51 -6.56
C CYS A 318 13.99 -18.56 -5.04
N VAL A 319 12.89 -18.00 -4.52
CA VAL A 319 12.37 -18.21 -3.13
C VAL A 319 10.94 -18.75 -3.27
N ILE A 320 10.73 -20.01 -2.86
CA ILE A 320 9.38 -20.64 -2.78
C ILE A 320 8.82 -20.27 -1.41
N ALA A 321 7.76 -19.46 -1.40
CA ALA A 321 7.32 -18.63 -0.25
C ALA A 321 5.86 -18.92 0.10
N THR A 322 5.52 -18.82 1.39
CA THR A 322 4.15 -18.52 1.88
C THR A 322 3.99 -16.99 1.93
N ILE A 323 2.84 -16.51 2.38
CA ILE A 323 2.50 -15.05 2.54
C ILE A 323 3.51 -14.35 3.47
N ALA A 324 4.22 -15.10 4.32
CA ALA A 324 5.22 -14.61 5.32
C ALA A 324 6.38 -13.86 4.65
N PHE A 325 6.92 -14.38 3.54
CA PHE A 325 7.96 -13.73 2.71
C PHE A 325 7.32 -12.57 1.95
N GLY A 326 7.86 -11.36 2.04
CA GLY A 326 7.22 -10.18 1.44
C GLY A 326 7.71 -8.86 2.00
N MET A 327 7.28 -8.50 3.22
CA MET A 327 7.59 -7.20 3.85
C MET A 327 9.09 -7.09 4.08
N GLY A 328 9.71 -6.01 3.57
CA GLY A 328 11.13 -5.68 3.78
C GLY A 328 12.07 -6.52 2.94
N ILE A 329 11.62 -7.07 1.81
CA ILE A 329 12.52 -7.68 0.79
C ILE A 329 13.32 -6.51 0.17
N ASN A 330 12.60 -5.55 -0.41
CA ASN A 330 13.13 -4.31 -1.04
C ASN A 330 14.02 -4.66 -2.25
N LYS A 331 13.85 -5.85 -2.85
CA LYS A 331 14.69 -6.35 -3.97
C LYS A 331 14.10 -5.77 -5.26
N ALA A 332 14.89 -4.98 -5.98
CA ALA A 332 14.47 -4.18 -7.15
C ALA A 332 14.19 -5.06 -8.37
N ASP A 333 14.94 -6.16 -8.55
CA ASP A 333 15.00 -6.92 -9.82
C ASP A 333 14.32 -8.30 -9.67
N ILE A 334 13.13 -8.34 -9.06
CA ILE A 334 12.26 -9.56 -9.10
C ILE A 334 11.58 -9.59 -10.49
N ARG A 335 11.94 -10.60 -11.30
CA ARG A 335 11.57 -10.71 -12.74
C ARG A 335 10.26 -11.49 -12.89
N GLN A 336 9.92 -12.36 -11.93
CA GLN A 336 8.75 -13.27 -12.01
C GLN A 336 8.17 -13.50 -10.61
N VAL A 337 6.87 -13.24 -10.44
CA VAL A 337 6.04 -13.72 -9.30
C VAL A 337 5.08 -14.78 -9.86
N ILE A 338 5.10 -15.99 -9.30
CA ILE A 338 4.11 -17.06 -9.60
C ILE A 338 3.29 -17.26 -8.33
N HIS A 339 1.97 -17.08 -8.43
CA HIS A 339 1.00 -17.58 -7.43
C HIS A 339 0.69 -19.02 -7.82
N TYR A 340 1.39 -19.98 -7.18
CA TYR A 340 1.12 -21.42 -7.37
C TYR A 340 -0.06 -21.81 -6.49
N GLY A 341 -1.27 -21.67 -7.04
CA GLY A 341 -2.54 -21.70 -6.30
C GLY A 341 -3.14 -20.31 -6.24
N ALA A 342 -4.48 -20.24 -6.21
CA ALA A 342 -5.26 -18.98 -6.12
C ALA A 342 -4.78 -18.18 -4.92
N PRO A 343 -4.53 -16.84 -5.06
CA PRO A 343 -4.19 -16.00 -3.91
C PRO A 343 -5.20 -16.02 -2.76
N LYS A 344 -4.76 -15.69 -1.54
CA LYS A 344 -5.61 -15.55 -0.32
C LYS A 344 -6.79 -14.62 -0.65
N ASP A 345 -6.51 -13.46 -1.26
CA ASP A 345 -7.53 -12.51 -1.78
C ASP A 345 -6.86 -11.46 -2.67
N MET A 346 -7.65 -10.57 -3.27
CA MET A 346 -7.12 -9.47 -4.13
C MET A 346 -6.18 -8.56 -3.33
N GLU A 347 -6.39 -8.38 -2.02
CA GLU A 347 -5.53 -7.55 -1.14
C GLU A 347 -4.12 -8.16 -1.09
N SER A 348 -3.99 -9.41 -0.66
CA SER A 348 -2.72 -10.18 -0.61
C SER A 348 -2.08 -10.20 -2.01
N TYR A 349 -2.85 -10.57 -3.03
CA TYR A 349 -2.46 -10.61 -4.46
C TYR A 349 -1.77 -9.30 -4.88
N TYR A 350 -2.40 -8.17 -4.53
CA TYR A 350 -1.95 -6.80 -4.86
C TYR A 350 -0.58 -6.53 -4.21
N GLN A 351 -0.46 -6.81 -2.91
CA GLN A 351 0.78 -6.64 -2.13
C GLN A 351 1.90 -7.50 -2.73
N GLU A 352 1.59 -8.73 -3.13
CA GLU A 352 2.59 -9.73 -3.56
C GLU A 352 3.14 -9.39 -4.95
N ILE A 353 2.27 -9.12 -5.94
CA ILE A 353 2.68 -8.81 -7.35
C ILE A 353 3.40 -7.45 -7.37
N GLY A 354 2.95 -6.50 -6.54
CA GLY A 354 3.62 -5.19 -6.35
C GLY A 354 5.11 -5.31 -6.02
N ARG A 355 5.57 -6.46 -5.52
CA ARG A 355 7.00 -6.72 -5.20
C ARG A 355 7.79 -7.01 -6.49
N ALA A 356 7.12 -7.39 -7.58
CA ALA A 356 7.75 -7.61 -8.91
C ALA A 356 8.21 -6.26 -9.50
N GLY A 357 9.40 -6.25 -10.09
CA GLY A 357 9.88 -5.24 -11.06
C GLY A 357 9.95 -3.83 -10.49
N ARG A 358 10.44 -3.69 -9.26
CA ARG A 358 10.60 -2.37 -8.59
C ARG A 358 11.79 -1.61 -9.19
N ASP A 359 12.62 -2.29 -9.99
CA ASP A 359 13.69 -1.68 -10.83
C ASP A 359 13.10 -1.00 -12.08
N GLY A 360 11.80 -1.18 -12.36
CA GLY A 360 11.09 -0.62 -13.53
C GLY A 360 11.23 -1.47 -14.79
N LEU A 361 12.01 -2.56 -14.76
CA LEU A 361 12.31 -3.41 -15.95
C LEU A 361 11.28 -4.55 -16.05
N GLN A 362 11.08 -5.07 -17.26
CA GLN A 362 9.98 -6.02 -17.61
C GLN A 362 10.01 -7.19 -16.62
N SER A 363 8.88 -7.41 -15.92
CA SER A 363 8.63 -8.60 -15.09
C SER A 363 7.30 -9.23 -15.50
N SER A 364 7.01 -10.42 -14.99
CA SER A 364 5.79 -11.21 -15.26
C SER A 364 5.18 -11.68 -13.94
N CYS A 365 3.85 -11.61 -13.84
CA CYS A 365 3.05 -12.09 -12.69
C CYS A 365 2.00 -13.08 -13.22
N HIS A 366 2.25 -14.37 -13.00
CA HIS A 366 1.40 -15.52 -13.42
C HIS A 366 0.71 -16.12 -12.19
N VAL A 367 -0.61 -16.25 -12.22
CA VAL A 367 -1.39 -17.11 -11.28
C VAL A 367 -1.64 -18.45 -11.97
N LEU A 368 -1.30 -19.55 -11.28
CA LEU A 368 -1.64 -20.94 -11.67
C LEU A 368 -2.71 -21.44 -10.69
N TRP A 369 -3.97 -21.34 -11.07
CA TRP A 369 -5.15 -21.54 -10.18
C TRP A 369 -5.96 -22.74 -10.63
N ALA A 370 -6.64 -23.38 -9.67
CA ALA A 370 -7.74 -24.35 -9.88
C ALA A 370 -8.88 -23.99 -8.92
N PRO A 371 -10.16 -24.25 -9.27
CA PRO A 371 -11.26 -24.18 -8.30
C PRO A 371 -11.06 -25.04 -7.05
N ALA A 372 -10.30 -26.14 -7.17
CA ALA A 372 -9.82 -27.01 -6.06
C ALA A 372 -9.19 -26.20 -4.93
N ASP A 373 -8.48 -25.12 -5.26
CA ASP A 373 -7.62 -24.32 -4.33
C ASP A 373 -8.44 -23.89 -3.11
N ILE A 374 -7.84 -24.04 -1.92
CA ILE A 374 -8.45 -23.73 -0.57
C ILE A 374 -8.94 -22.27 -0.52
N ASN A 375 -8.31 -21.36 -1.26
CA ASN A 375 -8.63 -19.91 -1.27
C ASN A 375 -9.86 -19.60 -2.15
N LEU A 376 -10.37 -20.57 -2.94
CA LEU A 376 -11.69 -20.47 -3.62
C LEU A 376 -12.69 -21.45 -2.99
N ASN A 377 -12.32 -22.10 -1.88
CA ASN A 377 -13.14 -23.10 -1.15
C ASN A 377 -14.01 -22.37 -0.12
N ARG A 378 -15.33 -22.32 -0.36
CA ARG A 378 -16.30 -21.49 0.42
C ARG A 378 -16.65 -22.18 1.75
N HIS A 379 -16.29 -23.46 1.93
CA HIS A 379 -16.66 -24.29 3.11
C HIS A 379 -16.07 -23.71 4.40
N LEU A 380 -14.81 -23.27 4.37
CA LEU A 380 -14.08 -22.72 5.55
C LEU A 380 -14.63 -21.34 5.95
N LEU A 381 -15.47 -20.70 5.11
CA LEU A 381 -16.18 -19.44 5.42
C LEU A 381 -17.58 -19.76 5.97
N THR A 382 -18.15 -20.92 5.61
CA THR A 382 -19.39 -21.48 6.22
C THR A 382 -19.10 -21.97 7.65
N GLU A 383 -17.81 -22.10 8.02
CA GLU A 383 -17.35 -22.36 9.42
C GLU A 383 -17.49 -21.08 10.25
N ILE A 384 -16.95 -19.96 9.77
CA ILE A 384 -16.87 -18.65 10.49
C ILE A 384 -18.29 -18.25 10.93
N ARG A 385 -18.50 -18.15 12.24
CA ARG A 385 -19.84 -17.90 12.86
C ARG A 385 -20.11 -16.40 12.96
N ASN A 386 -19.05 -15.58 13.01
CA ASN A 386 -19.13 -14.09 12.98
C ASN A 386 -19.64 -13.67 11.59
N GLU A 387 -20.89 -13.20 11.50
CA GLU A 387 -21.67 -13.03 10.24
C GLU A 387 -20.99 -12.01 9.31
N LYS A 388 -20.79 -10.79 9.79
CA LYS A 388 -20.16 -9.68 9.01
C LYS A 388 -18.79 -10.12 8.49
N PHE A 389 -17.98 -10.79 9.32
CA PHE A 389 -16.61 -11.24 8.95
C PHE A 389 -16.69 -12.41 7.97
N ARG A 390 -17.61 -13.36 8.16
CA ARG A 390 -17.91 -14.45 7.19
C ARG A 390 -18.29 -13.83 5.85
N LEU A 391 -19.30 -12.95 5.86
CA LEU A 391 -19.88 -12.34 4.63
C LEU A 391 -18.86 -11.42 3.96
N TYR A 392 -17.93 -10.82 4.72
CA TYR A 392 -16.77 -10.06 4.16
C TYR A 392 -15.87 -11.05 3.40
N LYS A 393 -15.45 -12.13 4.07
CA LYS A 393 -14.50 -13.14 3.53
C LYS A 393 -15.08 -13.76 2.25
N LEU A 394 -16.38 -14.07 2.23
CA LEU A 394 -17.11 -14.63 1.06
C LEU A 394 -17.03 -13.67 -0.14
N LYS A 395 -17.26 -12.37 0.09
CA LYS A 395 -17.25 -11.31 -0.96
C LYS A 395 -15.85 -11.21 -1.58
N MET A 396 -14.80 -11.31 -0.75
CA MET A 396 -13.37 -11.22 -1.19
C MET A 396 -13.00 -12.48 -1.99
N MET A 397 -13.38 -13.66 -1.49
CA MET A 397 -13.24 -14.97 -2.19
C MET A 397 -14.02 -14.93 -3.51
N ALA A 398 -15.20 -14.29 -3.52
CA ALA A 398 -16.06 -14.10 -4.71
C ALA A 398 -15.39 -13.14 -5.69
N LYS A 399 -14.86 -12.03 -5.19
CA LYS A 399 -14.09 -11.01 -5.98
C LYS A 399 -12.84 -11.66 -6.58
N MET A 400 -12.18 -12.56 -5.85
CA MET A 400 -10.94 -13.27 -6.27
C MET A 400 -11.27 -14.23 -7.42
N GLU A 401 -12.32 -15.05 -7.28
CA GLU A 401 -12.83 -15.97 -8.33
C GLU A 401 -13.19 -15.18 -9.59
N LYS A 402 -13.94 -14.08 -9.41
CA LYS A 402 -14.45 -13.21 -10.51
C LYS A 402 -13.28 -12.64 -11.32
N TYR A 403 -12.18 -12.27 -10.67
CA TYR A 403 -10.91 -11.82 -11.32
C TYR A 403 -10.31 -12.97 -12.15
N LEU A 404 -10.12 -14.14 -11.55
CA LEU A 404 -9.43 -15.29 -12.19
C LEU A 404 -10.30 -15.84 -13.34
N HIS A 405 -11.61 -15.97 -13.14
CA HIS A 405 -12.60 -16.43 -14.16
C HIS A 405 -12.72 -15.44 -15.33
N SER A 406 -12.30 -14.18 -15.14
CA SER A 406 -12.53 -13.07 -16.10
C SER A 406 -11.86 -13.35 -17.45
N SER A 407 -12.49 -12.85 -18.52
CA SER A 407 -11.92 -12.70 -19.88
C SER A 407 -11.67 -11.21 -20.19
N ARG A 408 -11.91 -10.31 -19.23
CA ARG A 408 -11.64 -8.85 -19.34
C ARG A 408 -10.17 -8.57 -19.00
N CYS A 409 -9.70 -7.35 -19.29
CA CYS A 409 -8.32 -6.85 -19.02
C CYS A 409 -8.02 -7.00 -17.53
N ARG A 410 -6.97 -7.73 -17.17
CA ARG A 410 -6.59 -8.02 -15.75
C ARG A 410 -6.07 -6.74 -15.09
N ARG A 411 -5.31 -5.92 -15.83
CA ARG A 411 -4.78 -4.61 -15.34
C ARG A 411 -5.96 -3.69 -15.00
N GLN A 412 -7.01 -3.68 -15.83
CA GLN A 412 -8.24 -2.87 -15.62
C GLN A 412 -8.90 -3.29 -14.31
N ILE A 413 -9.01 -4.60 -14.05
CA ILE A 413 -9.71 -5.14 -12.86
C ILE A 413 -8.99 -4.64 -11.61
N ILE A 414 -7.66 -4.78 -11.57
CA ILE A 414 -6.83 -4.49 -10.36
C ILE A 414 -6.78 -2.98 -10.11
N LEU A 415 -6.65 -2.16 -11.17
CA LEU A 415 -6.64 -0.68 -11.04
C LEU A 415 -8.02 -0.19 -10.59
N SER A 416 -9.11 -0.71 -11.18
CA SER A 416 -10.52 -0.37 -10.84
C SER A 416 -10.81 -0.67 -9.37
N HIS A 417 -10.32 -1.80 -8.86
CA HIS A 417 -10.51 -2.24 -7.45
C HIS A 417 -9.76 -1.31 -6.49
N PHE A 418 -8.47 -1.08 -6.71
CA PHE A 418 -7.50 -0.55 -5.70
C PHE A 418 -7.17 0.93 -5.93
N GLU A 419 -7.00 1.36 -7.20
CA GLU A 419 -6.45 2.68 -7.58
C GLU A 419 -7.57 3.67 -7.93
N ASP A 420 -7.33 4.97 -7.69
CA ASP A 420 -8.22 6.09 -8.11
C ASP A 420 -8.38 6.01 -9.63
N LYS A 421 -9.52 6.49 -10.16
CA LYS A 421 -9.95 6.37 -11.57
C LYS A 421 -8.99 7.08 -12.53
N GLN A 422 -8.18 8.03 -12.04
CA GLN A 422 -7.13 8.75 -12.83
C GLN A 422 -6.11 7.77 -13.41
N VAL A 423 -5.60 6.86 -12.58
CA VAL A 423 -4.48 5.92 -12.91
C VAL A 423 -4.85 5.13 -14.18
N GLN A 424 -6.12 4.74 -14.32
CA GLN A 424 -6.67 3.97 -15.47
C GLN A 424 -6.55 4.76 -16.76
N LYS A 425 -6.69 6.09 -16.71
CA LYS A 425 -6.62 7.01 -17.90
C LYS A 425 -5.20 6.96 -18.48
N ALA A 426 -4.17 7.05 -17.63
CA ALA A 426 -2.74 7.04 -18.00
C ALA A 426 -2.33 5.66 -18.53
N SER A 427 -2.86 4.59 -17.93
CA SER A 427 -2.48 3.17 -18.21
C SER A 427 -3.18 2.62 -19.45
N LEU A 428 -4.05 3.38 -20.12
CA LEU A 428 -4.74 2.92 -21.36
C LEU A 428 -3.72 2.53 -22.44
N GLY A 429 -2.58 3.25 -22.53
CA GLY A 429 -1.47 2.95 -23.46
C GLY A 429 -1.06 1.49 -23.41
N ILE A 430 -0.47 1.05 -22.29
CA ILE A 430 -0.09 -0.38 -22.01
C ILE A 430 -1.33 -1.29 -22.22
N MET A 431 -2.52 -0.88 -21.76
CA MET A 431 -3.76 -1.71 -21.84
C MET A 431 -4.16 -1.94 -23.31
N GLY A 432 -4.73 -3.11 -23.59
CA GLY A 432 -5.16 -3.55 -24.94
C GLY A 432 -3.98 -3.87 -25.85
N THR A 433 -2.80 -4.14 -25.27
CA THR A 433 -1.53 -4.42 -26.01
C THR A 433 -0.94 -5.76 -25.55
N GLU A 434 0.08 -6.21 -26.30
CA GLU A 434 0.79 -7.51 -26.13
C GLU A 434 1.32 -7.63 -24.70
N LYS A 435 1.82 -6.54 -24.12
CA LYS A 435 2.56 -6.53 -22.82
C LYS A 435 1.62 -6.29 -21.62
N CYS A 436 0.31 -6.06 -21.84
CA CYS A 436 -0.64 -5.76 -20.73
C CYS A 436 -0.95 -7.03 -19.94
N CYS A 437 -1.69 -7.96 -20.55
CA CYS A 437 -2.22 -9.17 -19.87
C CYS A 437 -2.64 -10.23 -20.90
N ASP A 438 -2.81 -11.47 -20.45
CA ASP A 438 -3.23 -12.64 -21.28
C ASP A 438 -4.52 -12.29 -22.06
N ASN A 439 -5.47 -11.61 -21.43
CA ASN A 439 -6.81 -11.32 -22.04
C ASN A 439 -6.71 -10.18 -23.07
N CYS A 440 -5.79 -9.23 -22.92
CA CYS A 440 -5.51 -8.15 -23.92
C CYS A 440 -4.78 -8.73 -25.15
N ARG A 441 -4.04 -9.83 -24.99
CA ARG A 441 -3.44 -10.60 -26.11
C ARG A 441 -4.53 -11.45 -26.78
N SER A 442 -5.23 -10.90 -27.77
CA SER A 442 -6.27 -11.60 -28.58
C SER A 442 -6.10 -11.24 -30.06
ZN ZN B . -4.95 -5.98 -20.24
C2 A1CEW C . 5.55 -4.56 1.21
C2 A1CEW C . 5.70 -4.47 1.18
C3 A1CEW C . 5.94 -3.92 2.49
C3 A1CEW C . 6.12 -3.76 2.41
C4 A1CEW C . 7.25 -3.54 2.79
C4 A1CEW C . 5.21 -3.50 3.45
C5 A1CEW C . 7.49 -2.95 4.04
C5 A1CEW C . 5.68 -2.82 4.58
C7 A1CEW C . 5.26 -3.16 4.55
C7 A1CEW C . 7.79 -2.75 3.65
C12 A1CEW C . 4.32 -2.54 0.39
C15 A1CEW C . 4.52 -3.84 -2.25
C16 A1CEW C . 4.46 -4.67 -0.98
C18 A1CEW C . 1.40 -1.88 -2.10
C19 A1CEW C . 1.39 -1.68 -3.60
C24 A1CEW C . 5.94 0.46 -6.81
C27 A1CEW C . 7.00 2.61 -9.81
O28 A1CEW C . 8.39 2.57 -9.51
C30 A1CEW C . 8.27 0.85 -7.83
C33 A1CEW C . 5.18 -1.35 -3.92
C35 A1CEW C . 3.89 -1.71 -3.40
C36 A1CEW C . 1.80 -0.22 -6.14
C37 A1CEW C . 1.60 -1.20 -7.27
C40 A1CEW C . 0.08 -1.99 -8.97
O1 A1CEW C . 5.94 -5.71 1.07
O1 A1CEW C . 6.14 -5.60 1.02
N6 A1CEW C . 6.48 -2.77 4.88
N6 A1CEW C . 6.95 -2.48 4.63
N8 A1CEW C . 4.97 -3.72 3.39
N8 A1CEW C . 7.39 -3.38 2.56
C9 A1CEW C . 8.87 -2.50 4.42
C9 A1CEW C . 4.76 -2.51 5.72
O10 A1CEW C . 8.26 -3.74 1.89
O10 A1CEW C . 3.92 -3.88 3.35
N11 A1CEW C . 4.82 -3.94 0.25
N11 A1CEW C . 4.87 -3.92 0.23
C13 A1CEW C . 4.36 -1.73 -0.92
C14 A1CEW C . 3.76 -2.51 -2.11
O17 A1CEW C . 2.40 -2.86 -1.80
C20 A1CEW C . 2.79 -1.32 -4.10
N21 A1CEW C . 2.93 -0.61 -5.29
C22 A1CEW C . 4.19 -0.27 -5.73
N23 A1CEW C . 4.60 0.39 -6.79
C25 A1CEW C . 6.78 1.11 -7.84
C26 A1CEW C . 6.21 1.91 -8.73
C29 A1CEW C . 8.88 1.28 -9.17
N31 A1CEW C . 6.40 -0.18 -5.75
N32 A1CEW C . 5.29 -0.65 -5.06
O34 A1CEW C . 6.25 -1.64 -3.39
O38 A1CEW C . 2.48 -1.99 -7.58
N39 A1CEW C . 0.41 -1.17 -7.89
C41 A1CEW C . -0.22 -1.33 -10.16
C42 A1CEW C . -0.55 -2.05 -11.28
C43 A1CEW C . -0.59 -3.43 -11.22
C44 A1CEW C . -0.30 -4.09 -10.03
C45 A1CEW C . 0.03 -3.38 -8.90
CL4 A1CEW C . 0.38 -4.24 -7.43
C47 A1CEW C . -0.95 -4.28 -12.41
F48 A1CEW C . -0.01 -5.30 -12.54
F49 A1CEW C . -2.23 -4.78 -12.19
F50 A1CEW C . -0.92 -3.52 -13.59
C51 A1CEW C . 0.89 -2.95 -4.31
CL CL D . -22.06 21.18 4.71
C1 EDO E . -19.83 17.89 -1.66
O1 EDO E . -20.73 17.50 -0.65
C2 EDO E . -19.60 19.36 -1.69
O2 EDO E . -18.64 19.83 -0.75
C1 EDO F . -1.23 19.00 1.04
O1 EDO F . -0.54 18.11 1.88
C2 EDO F . -0.48 20.24 0.72
O2 EDO F . 0.82 19.99 0.22
C1 EDO G . 6.30 -17.40 -19.29
O1 EDO G . 7.56 -16.97 -19.76
C2 EDO G . 5.71 -18.50 -20.10
O2 EDO G . 4.81 -19.35 -19.40
#